data_2MF8
#
_entry.id   2MF8
#
loop_
_entity.id
_entity.type
_entity.pdbx_description
1 polymer 'Myelin transcription factor 1'
2 polymer "DNA (5'-D(*AP*CP*CP*GP*AP*AP*AP*GP*TP*TP*CP*AP*C)-3')"
3 polymer "DNA (5'-D(*GP*TP*GP*AP*AP*CP*TP*TP*TP*CP*GP*GP*T)-3')"
4 non-polymer 'ZINC ION'
#
loop_
_entity_poly.entity_id
_entity_poly.type
_entity_poly.pdbx_seq_one_letter_code
_entity_poly.pdbx_strand_id
1 'polypeptide(L)'
;GPLGSFDIKKELLTCPTPGCDGSGHITGNYASHRSLSGCPLADKSLRNLMAAHSADLKCPTPGCDGSGHITGNYASHRSL
SGCPRAKKSGLRV
;
A
2 'polydeoxyribonucleotide' (DA)(DC)(DC)(DG)(DA)(DA)(DA)(DG)(DT)(DT)(DC)(DA)(DC) B
3 'polydeoxyribonucleotide' (DG)(DT)(DG)(DA)(DA)(DC)(DT)(DT)(DT)(DC)(DG)(DG)(DT) C
#
# COMPACT_ATOMS: atom_id res chain seq x y z
N LEU A 12 8.63 -4.72 -4.72
CA LEU A 12 8.46 -5.76 -5.66
C LEU A 12 7.11 -5.40 -6.55
N LEU A 13 6.00 -5.74 -6.11
CA LEU A 13 4.82 -5.55 -6.84
C LEU A 13 4.46 -4.12 -6.69
N THR A 14 4.68 -3.57 -5.61
CA THR A 14 4.32 -2.17 -5.36
C THR A 14 5.40 -1.23 -5.89
N CYS A 15 6.61 -1.35 -5.33
CA CYS A 15 7.76 -0.58 -5.75
C CYS A 15 8.68 -1.46 -6.59
N PRO A 16 9.53 -0.86 -7.45
CA PRO A 16 10.45 -1.62 -8.30
C PRO A 16 11.53 -2.35 -7.51
N THR A 17 11.70 -1.98 -6.25
CA THR A 17 12.70 -2.60 -5.38
C THR A 17 12.35 -4.06 -5.11
N PRO A 18 13.21 -5.01 -5.54
CA PRO A 18 12.98 -6.46 -5.36
C PRO A 18 12.96 -6.87 -3.89
N GLY A 19 13.83 -6.28 -3.08
CA GLY A 19 13.88 -6.62 -1.67
C GLY A 19 12.67 -6.12 -0.91
N CYS A 20 12.14 -4.99 -1.33
CA CYS A 20 10.98 -4.40 -0.70
C CYS A 20 9.71 -5.05 -1.24
N ASP A 21 8.63 -4.97 -0.47
CA ASP A 21 7.37 -5.56 -0.87
C ASP A 21 6.32 -4.47 -1.13
N GLY A 22 6.63 -3.25 -0.69
CA GLY A 22 5.71 -2.15 -0.89
C GLY A 22 4.98 -1.75 0.37
N SER A 23 5.00 -2.64 1.36
CA SER A 23 4.33 -2.36 2.62
C SER A 23 5.27 -1.64 3.58
N GLY A 24 4.82 -0.75 4.49
CA GLY A 24 5.75 -0.11 5.39
C GLY A 24 6.37 1.07 4.73
N HIS A 25 7.22 1.77 5.45
CA HIS A 25 7.87 2.96 4.90
C HIS A 25 9.20 3.16 5.60
N ILE A 26 10.03 4.03 5.04
CA ILE A 26 11.33 4.33 5.64
C ILE A 26 11.14 4.94 7.03
N THR A 27 10.21 5.88 7.13
CA THR A 27 9.94 6.53 8.40
C THR A 27 8.88 5.75 9.18
N GLY A 28 8.15 4.88 8.48
CA GLY A 28 7.12 4.08 9.11
C GLY A 28 5.88 4.88 9.48
N ASN A 29 5.82 6.11 8.98
CA ASN A 29 4.68 6.98 9.24
C ASN A 29 3.56 6.78 8.23
N TYR A 30 3.78 5.85 7.32
CA TYR A 30 2.79 5.55 6.29
C TYR A 30 2.90 4.10 5.80
N ALA A 31 2.27 3.81 4.66
CA ALA A 31 2.29 2.48 4.09
C ALA A 31 2.38 2.54 2.56
N SER A 32 1.64 3.47 1.97
CA SER A 32 1.61 3.65 0.52
C SER A 32 2.97 4.08 -0.03
N HIS A 33 3.54 3.26 -0.92
CA HIS A 33 4.84 3.53 -1.56
C HIS A 33 5.05 2.63 -2.75
N ARG A 34 5.29 3.25 -3.90
CA ARG A 34 5.50 2.49 -5.13
C ARG A 34 6.54 3.15 -6.04
N SER A 35 7.14 4.23 -5.56
CA SER A 35 8.15 4.96 -6.33
C SER A 35 9.28 5.47 -5.46
N LEU A 36 9.64 6.74 -5.65
CA LEU A 36 10.70 7.35 -4.85
C LEU A 36 10.12 7.87 -3.56
N SER A 37 9.45 6.99 -2.84
CA SER A 37 8.84 7.36 -1.60
C SER A 37 9.64 6.85 -0.40
N GLY A 38 9.51 5.56 -0.04
CA GLY A 38 10.21 5.08 1.17
C GLY A 38 10.21 3.57 1.36
N CYS A 39 11.15 2.93 0.69
CA CYS A 39 11.29 1.48 0.74
C CYS A 39 12.03 1.10 2.03
N PRO A 40 11.36 0.39 2.95
CA PRO A 40 11.96 -0.02 4.24
C PRO A 40 12.99 -1.16 4.12
N LEU A 41 14.00 -0.92 3.46
CA LEU A 41 15.18 -1.95 3.40
C LEU A 41 15.88 -1.95 4.67
N ALA A 42 16.69 -0.93 4.88
CA ALA A 42 17.54 -0.90 5.93
C ALA A 42 16.69 -0.28 7.09
N ASP A 43 16.02 0.79 6.75
CA ASP A 43 15.21 1.51 7.72
C ASP A 43 16.07 2.09 8.84
N LYS A 44 15.49 2.54 9.84
CA LYS A 44 16.20 3.10 10.95
C LYS A 44 15.40 2.69 12.33
N SER A 45 14.55 1.78 12.17
CA SER A 45 13.81 1.21 13.32
C SER A 45 12.80 2.21 13.80
N LEU A 46 11.55 2.01 13.39
CA LEU A 46 10.41 2.86 13.84
C LEU A 46 9.17 2.22 13.43
N ARG A 47 8.57 1.43 14.15
CA ARG A 47 7.26 0.89 13.79
C ARG A 47 6.36 0.76 15.15
N ASN A 48 6.51 -0.45 15.87
CA ASN A 48 5.69 -0.79 16.89
C ASN A 48 4.21 -0.50 16.49
N LEU A 49 3.64 0.39 17.50
CA LEU A 49 2.27 0.82 17.45
C LEU A 49 2.27 2.32 17.06
N MET A 50 2.93 2.71 16.29
CA MET A 50 2.94 4.10 15.91
C MET A 50 1.65 4.45 15.10
N ALA A 51 0.70 4.98 15.74
CA ALA A 51 -0.60 5.36 15.07
C ALA A 51 -0.41 6.75 14.36
N ALA A 52 -1.68 7.32 14.04
CA ALA A 52 -1.79 8.62 13.43
C ALA A 52 -0.96 8.58 12.08
N HIS A 53 -1.20 7.78 11.27
CA HIS A 53 -0.46 7.72 9.99
C HIS A 53 -1.43 7.75 8.80
N SER A 54 -1.53 8.79 8.19
CA SER A 54 -2.45 8.96 7.00
C SER A 54 -1.77 8.33 5.77
N ALA A 55 -2.25 7.21 5.43
CA ALA A 55 -1.81 6.51 4.10
C ALA A 55 -2.95 5.76 3.40
N ASP A 56 -3.11 5.82 2.38
CA ASP A 56 -4.07 4.95 1.70
C ASP A 56 -3.37 3.75 1.04
N LEU A 57 -3.62 2.65 1.58
CA LEU A 57 -3.08 1.37 1.06
C LEU A 57 -4.12 0.84 -0.08
N LYS A 58 -5.06 1.16 -0.01
CA LYS A 58 -6.11 0.64 -0.87
C LYS A 58 -6.52 1.72 -1.95
N CYS A 59 -7.73 1.51 -2.57
CA CYS A 59 -8.18 2.35 -3.66
C CYS A 59 -8.77 3.66 -3.11
N PRO A 60 -8.83 4.72 -3.93
CA PRO A 60 -9.39 6.01 -3.50
C PRO A 60 -10.89 5.94 -3.22
N THR A 61 -11.52 4.87 -3.69
CA THR A 61 -12.96 4.67 -3.49
C THR A 61 -13.28 4.44 -2.01
N PRO A 62 -14.06 5.37 -1.40
CA PRO A 62 -14.43 5.27 0.02
C PRO A 62 -15.26 4.03 0.36
N GLY A 63 -16.19 3.67 -0.52
CA GLY A 63 -17.02 2.50 -0.30
C GLY A 63 -16.24 1.20 -0.38
N CYS A 64 -15.26 1.18 -1.26
CA CYS A 64 -14.41 0.01 -1.46
C CYS A 64 -13.36 -0.05 -0.36
N ASP A 65 -12.83 -1.24 -0.12
CA ASP A 65 -11.81 -1.42 0.90
C ASP A 65 -10.48 -1.85 0.26
N GLY A 66 -10.53 -2.20 -1.01
CA GLY A 66 -9.34 -2.61 -1.71
C GLY A 66 -9.25 -4.12 -1.90
N SER A 67 -10.03 -4.87 -1.12
CA SER A 67 -10.01 -6.31 -1.22
C SER A 67 -11.01 -6.77 -2.27
N GLY A 68 -10.50 -7.73 -3.03
CA GLY A 68 -11.28 -8.34 -4.05
C GLY A 68 -11.35 -7.48 -5.29
N HIS A 69 -11.59 -8.08 -6.42
CA HIS A 69 -11.72 -7.32 -7.65
C HIS A 69 -13.09 -7.49 -8.26
N ILE A 70 -13.36 -6.68 -9.29
CA ILE A 70 -14.65 -6.74 -9.98
C ILE A 70 -14.88 -8.14 -10.57
N THR A 71 -13.82 -8.72 -11.14
CA THR A 71 -13.90 -10.06 -11.71
C THR A 71 -13.52 -11.11 -10.66
N GLY A 72 -12.88 -10.65 -9.58
CA GLY A 72 -12.47 -11.54 -8.51
C GLY A 72 -11.30 -12.44 -8.90
N ASN A 73 -10.63 -12.11 -10.01
CA ASN A 73 -9.50 -12.91 -10.48
C ASN A 73 -8.17 -12.42 -9.89
N TYR A 74 -8.24 -11.28 -9.21
CA TYR A 74 -7.06 -10.68 -8.59
C TYR A 74 -7.39 -10.04 -7.25
N ALA A 75 -6.46 -9.23 -6.75
CA ALA A 75 -6.64 -8.55 -5.48
C ALA A 75 -6.11 -7.13 -5.52
N SER A 76 -4.99 -6.91 -6.22
CA SER A 76 -4.37 -5.59 -6.31
C SER A 76 -5.21 -4.61 -7.15
N HIS A 77 -5.63 -3.51 -6.52
CA HIS A 77 -6.46 -2.46 -7.16
C HIS A 77 -6.36 -1.19 -6.35
N ARG A 78 -5.95 -0.11 -7.01
CA ARG A 78 -5.82 1.17 -6.34
C ARG A 78 -6.14 2.33 -7.28
N SER A 79 -6.63 2.03 -8.47
CA SER A 79 -6.97 3.07 -9.44
C SER A 79 -8.15 2.65 -10.30
N LEU A 80 -8.02 2.73 -11.62
CA LEU A 80 -9.09 2.34 -12.53
C LEU A 80 -8.94 0.86 -12.87
N SER A 81 -8.91 0.03 -11.84
CA SER A 81 -8.75 -1.40 -12.03
C SER A 81 -10.05 -2.16 -11.75
N GLY A 82 -10.44 -2.36 -10.48
CA GLY A 82 -11.67 -3.12 -10.23
C GLY A 82 -12.14 -3.12 -8.77
N CYS A 83 -12.88 -2.08 -8.43
CA CYS A 83 -13.49 -1.89 -7.12
C CYS A 83 -14.84 -2.59 -7.07
N PRO A 84 -14.97 -3.66 -6.25
CA PRO A 84 -16.22 -4.46 -6.15
C PRO A 84 -17.27 -3.86 -5.21
N ARG A 85 -17.42 -2.49 -5.32
CA ARG A 85 -18.33 -1.73 -4.49
C ARG A 85 -18.17 -0.29 -4.83
N ALA A 86 -18.89 0.54 -3.97
CA ALA A 86 -18.87 1.91 -4.10
C ALA A 86 -17.44 2.38 -3.55
#